data_8OW8
#
_entry.id   8OW8
#
_cell.length_a   143.894
_cell.length_b   143.894
_cell.length_c   51.695
_cell.angle_alpha   90.000
_cell.angle_beta   90.000
_cell.angle_gamma   90.000
#
_symmetry.space_group_name_H-M   'P 42 21 2'
#
loop_
_entity.id
_entity.type
_entity.pdbx_description
1 polymer 'Botulinum-like toxin eBoNT/J light chain'
2 non-polymer 'ZINC ION'
3 non-polymer 'PHOSPHATE ION'
4 non-polymer 'TRIETHYLENE GLYCOL'
5 non-polymer 1,2-ETHANEDIOL
6 water water
#
_entity_poly.entity_id   1
_entity_poly.type   'polypeptide(L)'
_entity_poly.pdbx_seq_one_letter_code
;MAHHHHHHSSGLEVLFQGMVTINDLHYSDPIDEDNIINMRIPLYDLEVDDQFINHNVPDLKAFQVFPNVWVVPERYTFYS
TMKNLDAPANPSRSSYYDPTYLQSDAEKEVFLQQMILLFKRINSTQEGQQFLNLLSRSIPVPYESNGDVAMGTTQVIKQM
DDKGNVLKHRRAHIIIYGPGPDLMAKGSKALTKSRETGRGCMAEIYFSPMYHKTYSTKLTNKNSLVDKSVQEFVPDPAVT
LIHELCHGLHALYGIDLGNVGSWEFNSNPNSLFSSWFSSKEAVNFEEVMTFGGEDVKVIKSEIDKKIPGILNLIKTTVEP
IINKITDPHDEMLQCLQSKYPSLKGTLGQFFFDDTQLEKDIRDLWMVMNETMFAENLKALTRARYLVPKVENIVQVDILS
PNVYTIDKGFNHLSKGFKGQSVSQSYFRKISALARGAVVRACPQAF
;
_entity_poly.pdbx_strand_id   A
#
loop_
_chem_comp.id
_chem_comp.type
_chem_comp.name
_chem_comp.formula
EDO non-polymer 1,2-ETHANEDIOL 'C2 H6 O2'
PGE non-polymer 'TRIETHYLENE GLYCOL' 'C6 H14 O4'
PO4 non-polymer 'PHOSPHATE ION' 'O4 P -3'
ZN non-polymer 'ZINC ION' 'Zn 2'
#
# COMPACT_ATOMS: atom_id res chain seq x y z
N GLY A 18 18.17 7.21 -0.66
CA GLY A 18 19.26 6.23 -0.56
C GLY A 18 19.27 5.22 -1.70
N MET A 19 18.10 4.84 -2.26
CA MET A 19 18.14 4.26 -3.61
C MET A 19 17.08 4.84 -4.55
N VAL A 20 15.76 4.70 -4.31
CA VAL A 20 14.86 5.42 -5.22
C VAL A 20 14.91 6.90 -4.85
N THR A 21 14.59 7.76 -5.82
CA THR A 21 14.46 9.20 -5.67
C THR A 21 12.99 9.56 -5.76
N ILE A 22 12.51 10.35 -4.82
CA ILE A 22 11.12 10.74 -4.85
C ILE A 22 11.03 11.95 -5.78
N ASN A 23 10.27 11.87 -6.88
CA ASN A 23 10.29 12.98 -7.81
C ASN A 23 9.65 14.20 -7.17
N ASP A 24 10.18 15.38 -7.51
CA ASP A 24 9.65 16.65 -7.06
C ASP A 24 8.59 17.12 -8.08
N LEU A 25 7.36 16.68 -7.89
CA LEU A 25 6.30 17.01 -8.81
C LEU A 25 5.30 17.91 -8.09
N HIS A 26 4.64 18.81 -8.83
CA HIS A 26 3.56 19.64 -8.31
C HIS A 26 2.31 19.51 -9.17
N TYR A 27 1.17 19.72 -8.52
CA TYR A 27 -0.12 19.41 -9.14
C TYR A 27 -0.29 20.20 -10.43
N SER A 28 0.09 21.48 -10.42
CA SER A 28 -0.09 22.41 -11.53
C SER A 28 0.96 22.22 -12.63
N ASP A 29 1.96 21.36 -12.44
CA ASP A 29 2.89 21.06 -13.53
C ASP A 29 2.15 20.42 -14.70
N PRO A 30 2.52 20.71 -15.96
CA PRO A 30 1.70 20.23 -17.07
C PRO A 30 1.93 18.74 -17.26
N ILE A 31 0.94 18.08 -17.87
CA ILE A 31 1.08 16.72 -18.37
C ILE A 31 2.31 16.67 -19.26
N ASP A 32 3.25 15.76 -19.02
CA ASP A 32 4.43 15.65 -19.86
C ASP A 32 4.49 14.28 -20.55
N GLU A 33 3.55 13.40 -20.21
CA GLU A 33 3.39 12.12 -20.89
C GLU A 33 4.45 11.17 -20.35
N ASP A 34 5.15 11.61 -19.30
CA ASP A 34 6.19 10.78 -18.71
C ASP A 34 5.81 10.49 -17.26
N ASN A 35 6.19 11.36 -16.31
CA ASN A 35 5.81 11.14 -14.91
C ASN A 35 4.46 11.79 -14.56
N ILE A 36 3.98 12.71 -15.40
CA ILE A 36 2.68 13.32 -15.19
C ILE A 36 1.82 13.04 -16.40
N ILE A 37 0.78 12.25 -16.13
CA ILE A 37 -0.08 11.72 -17.18
C ILE A 37 -1.55 11.91 -16.81
N ASN A 38 -2.37 11.76 -17.85
CA ASN A 38 -3.79 11.62 -17.74
C ASN A 38 -4.13 10.12 -17.74
N MET A 39 -4.60 9.60 -16.58
CA MET A 39 -4.76 8.16 -16.40
C MET A 39 -6.23 7.74 -16.45
N ARG A 40 -6.53 6.67 -17.18
CA ARG A 40 -7.84 6.06 -17.04
C ARG A 40 -7.81 5.02 -15.92
N ILE A 41 -8.81 5.02 -15.04
CA ILE A 41 -8.69 4.17 -13.86
C ILE A 41 -8.63 2.70 -14.28
N PRO A 42 -7.86 1.89 -13.55
CA PRO A 42 -7.82 0.46 -13.83
C PRO A 42 -9.15 -0.29 -13.87
N LEU A 43 -10.15 0.12 -13.07
CA LEU A 43 -11.44 -0.56 -13.01
C LEU A 43 -12.47 0.15 -13.87
N TYR A 44 -11.99 0.90 -14.89
CA TYR A 44 -12.87 1.68 -15.75
C TYR A 44 -13.97 0.80 -16.31
N ASP A 45 -13.64 -0.43 -16.71
CA ASP A 45 -14.59 -1.32 -17.34
C ASP A 45 -15.17 -2.39 -16.39
N LEU A 46 -15.16 -2.14 -15.09
CA LEU A 46 -15.63 -3.09 -14.10
C LEU A 46 -17.12 -3.27 -14.29
N GLU A 47 -17.53 -4.54 -14.44
CA GLU A 47 -18.93 -4.90 -14.59
C GLU A 47 -19.41 -5.55 -13.27
N VAL A 48 -20.38 -4.97 -12.58
CA VAL A 48 -20.90 -5.53 -11.34
C VAL A 48 -22.37 -5.62 -11.58
N ASP A 49 -22.85 -6.83 -11.84
CA ASP A 49 -24.27 -7.01 -11.71
C ASP A 49 -24.88 -6.31 -12.91
N ASP A 50 -24.29 -6.57 -14.08
CA ASP A 50 -24.77 -6.12 -15.39
C ASP A 50 -24.64 -4.61 -15.57
N GLN A 51 -23.92 -3.93 -14.67
CA GLN A 51 -23.71 -2.51 -14.83
C GLN A 51 -22.23 -2.24 -14.97
N PHE A 52 -21.91 -1.28 -15.83
CA PHE A 52 -20.55 -0.79 -15.94
C PHE A 52 -20.43 0.36 -14.96
N ILE A 53 -20.10 0.03 -13.71
CA ILE A 53 -20.06 0.90 -12.51
C ILE A 53 -19.32 2.21 -12.79
N ASN A 54 -18.20 2.15 -13.57
CA ASN A 54 -17.27 3.25 -13.64
C ASN A 54 -17.22 3.84 -15.04
N HIS A 55 -18.06 3.39 -15.97
CA HIS A 55 -18.15 4.09 -17.25
C HIS A 55 -18.45 5.57 -17.01
N ASN A 56 -17.69 6.43 -17.73
CA ASN A 56 -17.86 7.88 -17.75
C ASN A 56 -17.30 8.54 -16.51
N VAL A 57 -16.65 7.79 -15.64
CA VAL A 57 -15.74 8.41 -14.66
C VAL A 57 -14.65 9.17 -15.43
N PRO A 58 -14.23 10.37 -14.96
CA PRO A 58 -13.18 11.13 -15.65
C PRO A 58 -11.80 10.45 -15.60
N ASP A 59 -11.00 10.70 -16.63
CA ASP A 59 -9.59 10.35 -16.61
C ASP A 59 -8.93 11.26 -15.58
N LEU A 60 -7.88 10.81 -14.93
CA LEU A 60 -7.42 11.50 -13.74
C LEU A 60 -5.94 11.84 -13.89
N LYS A 61 -5.58 13.07 -13.50
CA LYS A 61 -4.17 13.46 -13.45
C LYS A 61 -3.45 12.58 -12.43
N ALA A 62 -2.39 11.93 -12.92
CA ALA A 62 -1.58 11.00 -12.14
C ALA A 62 -0.09 11.33 -12.16
N PHE A 63 0.58 11.08 -11.01
CA PHE A 63 1.94 11.51 -10.74
C PHE A 63 2.79 10.32 -10.33
N GLN A 64 3.78 9.94 -11.16
CA GLN A 64 4.68 8.84 -10.84
C GLN A 64 5.77 9.40 -9.92
N VAL A 65 5.71 9.10 -8.62
CA VAL A 65 6.61 9.66 -7.62
C VAL A 65 7.91 8.86 -7.56
N PHE A 66 7.91 7.62 -8.06
CA PHE A 66 9.13 6.87 -8.35
C PHE A 66 8.74 5.66 -9.20
N PRO A 67 9.66 4.93 -9.87
CA PRO A 67 9.21 3.95 -10.86
C PRO A 67 8.07 3.04 -10.38
N ASN A 68 6.93 3.09 -11.12
CA ASN A 68 5.79 2.20 -11.00
C ASN A 68 4.96 2.47 -9.74
N VAL A 69 5.16 3.61 -9.09
CA VAL A 69 4.34 4.04 -7.98
C VAL A 69 3.78 5.42 -8.29
N TRP A 70 2.46 5.45 -8.35
CA TRP A 70 1.70 6.59 -8.89
C TRP A 70 0.84 7.15 -7.78
N VAL A 71 0.80 8.47 -7.66
CA VAL A 71 -0.12 9.15 -6.78
C VAL A 71 -1.16 9.86 -7.63
N VAL A 72 -2.44 9.64 -7.26
CA VAL A 72 -3.59 10.21 -7.94
C VAL A 72 -4.45 10.96 -6.93
N PRO A 73 -4.32 12.31 -6.80
CA PRO A 73 -5.04 13.05 -5.78
C PRO A 73 -6.54 13.15 -6.04
N GLU A 74 -7.25 12.03 -5.96
CA GLU A 74 -8.69 11.94 -6.23
C GLU A 74 -9.31 10.98 -5.21
N ARG A 75 -10.57 11.22 -4.91
CA ARG A 75 -11.32 10.36 -4.02
C ARG A 75 -11.51 9.01 -4.72
N TYR A 76 -11.33 7.93 -3.95
CA TYR A 76 -11.54 6.59 -4.46
C TYR A 76 -13.04 6.25 -4.41
N THR A 77 -13.67 6.23 -5.60
CA THR A 77 -15.10 6.06 -5.79
C THR A 77 -15.42 4.98 -6.83
N PHE A 78 -14.58 3.93 -6.90
CA PHE A 78 -14.54 3.00 -8.03
C PHE A 78 -15.02 1.60 -7.69
N TYR A 79 -15.47 1.34 -6.45
CA TYR A 79 -16.31 0.19 -6.18
C TYR A 79 -17.70 0.74 -5.97
N SER A 80 -18.75 -0.06 -6.18
CA SER A 80 -20.10 0.46 -5.99
C SER A 80 -20.41 0.86 -4.51
N THR A 81 -19.83 0.21 -3.50
CA THR A 81 -20.00 0.63 -2.11
C THR A 81 -19.41 2.01 -1.81
N MET A 82 -18.60 2.58 -2.74
CA MET A 82 -17.77 3.74 -2.44
C MET A 82 -18.15 4.93 -3.31
N LYS A 83 -19.33 4.82 -3.92
CA LYS A 83 -19.78 5.80 -4.90
C LYS A 83 -20.37 7.05 -4.28
N ASN A 84 -21.03 6.94 -3.11
CA ASN A 84 -21.72 8.07 -2.52
C ASN A 84 -20.82 8.65 -1.43
N LEU A 85 -20.47 9.95 -1.51
CA LEU A 85 -19.56 10.58 -0.56
C LEU A 85 -20.30 11.07 0.71
N ASP A 86 -21.63 11.05 0.67
CA ASP A 86 -22.41 11.45 1.82
C ASP A 86 -22.41 10.33 2.87
N ALA A 87 -22.67 10.70 4.11
CA ALA A 87 -22.75 9.70 5.15
C ALA A 87 -23.91 8.74 4.90
N PRO A 88 -23.72 7.45 5.22
CA PRO A 88 -24.80 6.47 5.18
C PRO A 88 -25.71 6.61 6.39
N ALA A 89 -26.65 5.71 6.47
CA ALA A 89 -27.68 5.78 7.49
C ALA A 89 -27.08 5.55 8.87
N ASN A 90 -26.17 4.59 9.01
CA ASN A 90 -25.70 4.26 10.36
C ASN A 90 -24.21 4.39 10.45
N PRO A 91 -23.68 5.63 10.48
CA PRO A 91 -22.25 5.82 10.29
C PRO A 91 -21.62 5.38 11.61
N SER A 92 -20.46 4.74 11.47
CA SER A 92 -19.58 4.45 12.61
C SER A 92 -19.22 5.74 13.36
N ARG A 93 -19.03 5.60 14.68
CA ARG A 93 -18.60 6.70 15.51
C ARG A 93 -17.15 7.13 15.18
N SER A 94 -16.40 6.41 14.34
CA SER A 94 -15.05 6.81 13.98
C SER A 94 -14.93 7.11 12.48
N SER A 95 -16.05 7.53 11.87
CA SER A 95 -16.11 7.84 10.45
C SER A 95 -16.27 9.34 10.30
N TYR A 96 -15.89 9.90 9.16
CA TYR A 96 -16.16 11.32 8.90
C TYR A 96 -16.34 11.52 7.39
N TYR A 97 -17.40 12.27 7.02
CA TYR A 97 -17.80 12.43 5.65
C TYR A 97 -17.72 13.90 5.29
N ASP A 98 -17.21 14.14 4.10
CA ASP A 98 -17.06 15.47 3.56
C ASP A 98 -16.86 15.33 2.06
N PRO A 99 -17.94 15.44 1.28
CA PRO A 99 -17.86 15.35 -0.16
C PRO A 99 -16.90 16.33 -0.83
N THR A 100 -16.51 17.40 -0.13
CA THR A 100 -15.73 18.43 -0.79
C THR A 100 -14.24 18.20 -0.63
N TYR A 101 -13.85 17.23 0.22
CA TYR A 101 -12.44 17.01 0.45
C TYR A 101 -11.83 16.52 -0.86
N LEU A 102 -10.81 17.24 -1.31
CA LEU A 102 -10.00 16.83 -2.45
C LEU A 102 -10.70 17.14 -3.77
N GLN A 103 -11.53 18.19 -3.82
CA GLN A 103 -12.30 18.58 -5.00
C GLN A 103 -11.56 19.67 -5.77
N SER A 104 -10.88 20.60 -5.11
CA SER A 104 -10.18 21.68 -5.78
C SER A 104 -8.72 21.29 -6.08
N ASP A 105 -8.14 22.03 -7.02
CA ASP A 105 -6.77 21.84 -7.44
C ASP A 105 -5.80 22.15 -6.32
N ALA A 106 -6.09 23.20 -5.57
CA ALA A 106 -5.24 23.54 -4.43
C ALA A 106 -5.18 22.36 -3.42
N GLU A 107 -6.28 21.64 -3.21
CA GLU A 107 -6.25 20.57 -2.21
C GLU A 107 -5.46 19.38 -2.75
N LYS A 108 -5.50 19.20 -4.06
CA LYS A 108 -4.81 18.11 -4.72
C LYS A 108 -3.30 18.27 -4.62
N GLU A 109 -2.82 19.52 -4.73
CA GLU A 109 -1.44 19.88 -4.50
C GLU A 109 -1.01 19.56 -3.07
N VAL A 110 -1.75 20.07 -2.06
CA VAL A 110 -1.54 19.70 -0.67
C VAL A 110 -1.43 18.17 -0.53
N PHE A 111 -2.39 17.44 -1.09
CA PHE A 111 -2.39 15.98 -0.96
C PHE A 111 -1.11 15.42 -1.58
N LEU A 112 -0.78 15.88 -2.80
CA LEU A 112 0.38 15.37 -3.51
C LEU A 112 1.65 15.66 -2.68
N GLN A 113 1.76 16.89 -2.16
CA GLN A 113 2.93 17.28 -1.37
C GLN A 113 2.98 16.48 -0.05
N GLN A 114 1.82 16.23 0.57
CA GLN A 114 1.83 15.41 1.80
C GLN A 114 2.33 14.00 1.47
N MET A 115 1.86 13.42 0.36
CA MET A 115 2.25 12.07 -0.02
C MET A 115 3.76 12.01 -0.28
N ILE A 116 4.28 13.03 -0.97
CA ILE A 116 5.71 13.10 -1.24
C ILE A 116 6.50 13.15 0.07
N LEU A 117 6.07 14.01 1.02
CA LEU A 117 6.73 14.06 2.34
C LEU A 117 6.72 12.69 3.04
N LEU A 118 5.57 11.99 2.98
CA LEU A 118 5.51 10.66 3.58
C LEU A 118 6.54 9.72 2.92
N PHE A 119 6.61 9.72 1.59
CA PHE A 119 7.57 8.83 0.95
C PHE A 119 9.01 9.18 1.34
N LYS A 120 9.33 10.47 1.43
CA LYS A 120 10.67 10.85 1.82
C LYS A 120 10.98 10.35 3.24
N ARG A 121 9.98 10.40 4.13
CA ARG A 121 10.13 9.89 5.50
C ARG A 121 10.46 8.40 5.45
N ILE A 122 9.71 7.64 4.63
CA ILE A 122 9.90 6.19 4.53
C ILE A 122 11.29 5.90 3.96
N ASN A 123 11.72 6.76 3.03
CA ASN A 123 13.00 6.64 2.36
C ASN A 123 14.14 7.14 3.24
N SER A 124 13.86 7.56 4.47
CA SER A 124 14.88 8.16 5.35
C SER A 124 15.74 7.09 5.99
N THR A 125 15.37 5.81 5.95
CA THR A 125 16.24 4.78 6.49
C THR A 125 16.55 3.73 5.45
N GLN A 126 17.56 2.93 5.75
CA GLN A 126 17.97 1.88 4.83
C GLN A 126 16.84 0.87 4.64
N GLU A 127 16.12 0.48 5.71
CA GLU A 127 15.05 -0.50 5.64
C GLU A 127 13.88 0.02 4.79
N GLY A 128 13.51 1.32 4.93
CA GLY A 128 12.46 1.93 4.14
C GLY A 128 12.88 2.16 2.68
N GLN A 129 14.15 2.47 2.44
CA GLN A 129 14.70 2.45 1.09
C GLN A 129 14.52 1.08 0.42
N GLN A 130 14.90 0.01 1.13
CA GLN A 130 14.77 -1.32 0.59
C GLN A 130 13.31 -1.56 0.29
N PHE A 131 12.41 -1.14 1.20
CA PHE A 131 11.00 -1.35 1.01
C PHE A 131 10.50 -0.67 -0.28
N LEU A 132 10.83 0.61 -0.44
CA LEU A 132 10.35 1.33 -1.61
C LEU A 132 10.94 0.73 -2.90
N ASN A 133 12.19 0.26 -2.81
CA ASN A 133 12.77 -0.39 -3.97
C ASN A 133 11.99 -1.65 -4.36
N LEU A 134 11.58 -2.43 -3.34
CA LEU A 134 10.83 -3.66 -3.50
C LEU A 134 9.51 -3.36 -4.20
N LEU A 135 8.83 -2.27 -3.81
CA LEU A 135 7.58 -1.90 -4.46
C LEU A 135 7.87 -1.52 -5.91
N SER A 136 9.02 -0.86 -6.14
CA SER A 136 9.33 -0.31 -7.45
C SER A 136 9.58 -1.41 -8.47
N ARG A 137 10.14 -2.53 -8.00
CA ARG A 137 10.73 -3.55 -8.86
C ARG A 137 9.92 -4.86 -8.81
N SER A 138 8.96 -5.00 -7.90
CA SER A 138 8.36 -6.32 -7.74
C SER A 138 7.24 -6.52 -8.73
N ILE A 139 7.60 -6.84 -9.98
CA ILE A 139 6.61 -6.94 -11.05
C ILE A 139 5.66 -8.11 -10.82
N PRO A 140 4.36 -7.94 -11.10
CA PRO A 140 3.48 -9.10 -11.27
C PRO A 140 4.01 -9.95 -12.41
N VAL A 141 3.83 -11.26 -12.29
CA VAL A 141 4.39 -12.16 -13.26
C VAL A 141 3.63 -11.96 -14.56
N PRO A 142 4.33 -11.88 -15.67
CA PRO A 142 3.65 -11.72 -16.94
C PRO A 142 3.03 -13.00 -17.48
N TYR A 143 2.26 -12.83 -18.56
CA TYR A 143 1.59 -13.90 -19.29
C TYR A 143 2.40 -14.23 -20.52
N GLU A 144 2.45 -15.53 -20.81
CA GLU A 144 2.86 -16.17 -22.05
C GLU A 144 1.88 -15.79 -23.17
N SER A 145 2.43 -15.48 -24.38
CA SER A 145 1.68 -15.11 -25.58
C SER A 145 2.33 -15.71 -26.84
N ASN A 146 2.45 -17.05 -26.88
CA ASN A 146 2.84 -17.85 -28.05
C ASN A 146 4.36 -17.86 -28.28
N GLY A 147 5.16 -17.97 -27.21
CA GLY A 147 6.56 -17.59 -27.27
C GLY A 147 6.82 -16.30 -26.49
N ASP A 148 5.99 -15.27 -26.72
CA ASP A 148 6.23 -13.92 -26.18
C ASP A 148 5.63 -13.72 -24.79
N VAL A 149 6.49 -13.81 -23.77
CA VAL A 149 6.17 -13.34 -22.43
C VAL A 149 5.92 -11.83 -22.49
N ALA A 150 4.74 -11.38 -22.07
CA ALA A 150 4.47 -9.94 -21.92
C ALA A 150 3.45 -9.70 -20.80
N MET A 151 3.39 -8.44 -20.38
CA MET A 151 2.42 -7.93 -19.43
C MET A 151 1.01 -8.06 -20.00
N GLY A 152 0.06 -8.62 -19.22
CA GLY A 152 -1.37 -8.60 -19.56
C GLY A 152 -2.05 -7.24 -19.37
N THR A 153 -3.29 -7.10 -19.86
CA THR A 153 -3.96 -5.80 -19.82
C THR A 153 -4.29 -5.36 -18.40
N THR A 154 -4.43 -6.30 -17.45
CA THR A 154 -4.67 -5.89 -16.07
C THR A 154 -3.39 -5.44 -15.35
N GLN A 155 -2.23 -5.51 -16.01
CA GLN A 155 -0.95 -5.23 -15.39
C GLN A 155 -0.38 -3.88 -15.84
N VAL A 156 -1.20 -3.08 -16.55
CA VAL A 156 -0.83 -1.79 -17.09
C VAL A 156 -1.98 -0.83 -16.84
N ILE A 157 -1.68 0.47 -16.77
CA ILE A 157 -2.68 1.51 -16.80
C ILE A 157 -2.64 2.22 -18.16
N LYS A 158 -3.78 2.76 -18.55
CA LYS A 158 -3.91 3.51 -19.77
C LYS A 158 -3.65 4.99 -19.56
N GLN A 159 -2.67 5.45 -20.34
CA GLN A 159 -2.31 6.85 -20.46
C GLN A 159 -3.09 7.42 -21.64
N MET A 160 -3.84 8.52 -21.40
CA MET A 160 -4.82 9.04 -22.33
C MET A 160 -4.45 10.44 -22.82
N ASP A 161 -4.93 10.78 -24.03
CA ASP A 161 -5.00 12.15 -24.46
C ASP A 161 -6.17 12.80 -23.73
N ASP A 162 -6.53 13.99 -24.17
CA ASP A 162 -7.55 14.80 -23.51
C ASP A 162 -8.95 14.43 -24.01
N LYS A 163 -9.06 13.39 -24.87
CA LYS A 163 -10.31 13.12 -25.56
C LYS A 163 -10.74 11.66 -25.41
N GLY A 164 -10.20 10.90 -24.44
CA GLY A 164 -10.59 9.51 -24.25
C GLY A 164 -9.86 8.49 -25.12
N ASN A 165 -8.82 8.90 -25.87
CA ASN A 165 -8.04 7.95 -26.66
C ASN A 165 -6.81 7.54 -25.87
N VAL A 166 -6.37 6.29 -26.03
CA VAL A 166 -5.19 5.77 -25.36
C VAL A 166 -3.95 6.15 -26.20
N LEU A 167 -2.95 6.75 -25.56
CA LEU A 167 -1.64 7.11 -26.10
C LEU A 167 -0.63 6.01 -25.85
N LYS A 168 -0.69 5.38 -24.69
CA LYS A 168 0.09 4.16 -24.48
C LYS A 168 -0.26 3.50 -23.15
N HIS A 169 0.39 2.37 -22.83
CA HIS A 169 0.13 1.55 -21.66
C HIS A 169 1.36 1.71 -20.77
N ARG A 170 1.16 1.92 -19.49
CA ARG A 170 2.22 2.24 -18.55
C ARG A 170 2.24 1.17 -17.46
N ARG A 171 3.42 0.84 -16.92
CA ARG A 171 3.47 -0.07 -15.79
C ARG A 171 2.99 0.63 -14.50
N ALA A 172 2.27 -0.09 -13.66
CA ALA A 172 1.89 0.40 -12.35
C ALA A 172 1.92 -0.78 -11.39
N HIS A 173 2.55 -0.55 -10.22
CA HIS A 173 2.57 -1.53 -9.15
C HIS A 173 1.69 -1.09 -7.97
N ILE A 174 1.70 0.20 -7.68
CA ILE A 174 1.00 0.76 -6.54
C ILE A 174 0.45 2.08 -7.05
N ILE A 175 -0.86 2.24 -6.84
CA ILE A 175 -1.55 3.48 -7.11
C ILE A 175 -2.19 3.92 -5.80
N ILE A 176 -1.79 5.11 -5.29
CA ILE A 176 -2.37 5.70 -4.11
C ILE A 176 -3.30 6.83 -4.53
N TYR A 177 -4.54 6.67 -4.07
CA TYR A 177 -5.61 7.63 -4.17
C TYR A 177 -6.00 8.15 -2.79
N GLY A 178 -6.82 9.21 -2.82
CA GLY A 178 -7.40 9.74 -1.61
C GLY A 178 -8.41 8.77 -1.01
N PRO A 179 -9.04 9.12 0.12
CA PRO A 179 -10.06 8.25 0.71
C PRO A 179 -11.32 8.19 -0.13
N GLY A 180 -12.08 7.13 0.14
CA GLY A 180 -13.46 6.97 -0.28
C GLY A 180 -14.37 7.89 0.51
N PRO A 181 -15.68 7.57 0.59
CA PRO A 181 -16.65 8.33 1.35
C PRO A 181 -16.18 8.76 2.75
N ASP A 182 -15.68 7.78 3.51
CA ASP A 182 -15.22 7.97 4.86
C ASP A 182 -13.76 8.46 4.85
N LEU A 183 -13.52 9.75 5.22
CA LEU A 183 -12.20 10.37 5.20
C LEU A 183 -11.22 9.62 6.09
N MET A 184 -11.73 8.95 7.15
CA MET A 184 -10.90 8.29 8.14
C MET A 184 -10.45 6.90 7.72
N ALA A 185 -11.10 6.29 6.72
CA ALA A 185 -10.81 4.91 6.38
C ALA A 185 -9.63 4.84 5.43
N LYS A 186 -8.86 3.73 5.53
CA LYS A 186 -7.66 3.50 4.76
C LYS A 186 -7.60 2.03 4.38
N GLY A 187 -6.95 1.74 3.26
CA GLY A 187 -6.96 0.36 2.79
C GLY A 187 -6.24 0.13 1.46
N SER A 188 -6.15 -1.16 1.12
CA SER A 188 -5.52 -1.63 -0.09
C SER A 188 -6.53 -2.44 -0.87
N LYS A 189 -6.76 -2.15 -2.16
CA LYS A 189 -7.59 -2.94 -3.04
C LYS A 189 -6.72 -3.58 -4.12
N ALA A 190 -6.45 -4.88 -3.98
CA ALA A 190 -5.73 -5.64 -4.98
C ALA A 190 -6.60 -5.73 -6.24
N LEU A 191 -6.05 -5.46 -7.42
CA LEU A 191 -6.88 -5.33 -8.60
C LEU A 191 -7.59 -6.61 -9.00
N THR A 192 -6.91 -7.76 -8.94
CA THR A 192 -7.44 -9.01 -9.45
C THR A 192 -7.17 -10.13 -8.45
N LYS A 193 -7.78 -11.27 -8.72
CA LYS A 193 -7.55 -12.49 -7.96
C LYS A 193 -6.09 -12.97 -8.00
N SER A 194 -5.28 -12.53 -8.97
CA SER A 194 -3.87 -12.89 -8.95
C SER A 194 -3.16 -12.45 -7.67
N ARG A 195 -3.79 -11.59 -6.89
CA ARG A 195 -3.31 -11.22 -5.58
C ARG A 195 -2.98 -12.46 -4.75
N GLU A 196 -3.65 -13.60 -4.95
CA GLU A 196 -3.43 -14.80 -4.13
C GLU A 196 -3.04 -16.07 -4.91
N THR A 197 -2.77 -15.95 -6.23
CA THR A 197 -2.51 -17.11 -7.07
C THR A 197 -1.01 -17.37 -7.30
N GLY A 198 -0.15 -16.50 -6.78
CA GLY A 198 1.29 -16.65 -7.06
C GLY A 198 1.77 -15.78 -8.22
N ARG A 199 0.82 -15.20 -8.98
CA ARG A 199 1.18 -14.38 -10.12
C ARG A 199 1.38 -12.95 -9.63
N GLY A 200 0.45 -12.51 -8.79
CA GLY A 200 0.45 -11.13 -8.33
C GLY A 200 -0.29 -10.14 -9.24
N CYS A 201 -0.56 -8.96 -8.66
CA CYS A 201 -1.21 -7.86 -9.36
C CYS A 201 -0.92 -6.52 -8.69
N MET A 202 -1.18 -5.39 -9.39
CA MET A 202 -1.10 -4.07 -8.75
C MET A 202 -2.16 -3.95 -7.65
N ALA A 203 -1.91 -2.98 -6.78
CA ALA A 203 -2.85 -2.60 -5.72
C ALA A 203 -3.10 -1.09 -5.79
N GLU A 204 -4.38 -0.75 -5.61
CA GLU A 204 -4.88 0.59 -5.42
C GLU A 204 -5.07 0.84 -3.93
N ILE A 205 -4.37 1.83 -3.41
CA ILE A 205 -4.53 2.18 -2.02
C ILE A 205 -5.38 3.44 -1.93
N TYR A 206 -6.23 3.52 -0.89
CA TYR A 206 -7.02 4.72 -0.64
C TYR A 206 -6.65 5.22 0.75
N PHE A 207 -6.28 6.51 0.80
CA PHE A 207 -5.54 7.00 1.96
C PHE A 207 -5.65 8.50 2.04
N SER A 208 -6.01 9.02 3.24
CA SER A 208 -5.81 10.44 3.54
C SER A 208 -4.61 10.59 4.46
N PRO A 209 -3.63 11.43 4.07
CA PRO A 209 -2.52 11.83 4.95
C PRO A 209 -2.87 12.81 6.07
N MET A 210 -4.10 13.35 6.01
CA MET A 210 -4.57 14.45 6.84
C MET A 210 -5.60 14.00 7.92
N TYR A 211 -6.28 12.85 7.78
CA TYR A 211 -7.42 12.53 8.64
C TYR A 211 -7.16 11.18 9.29
N HIS A 212 -7.04 11.12 10.61
CA HIS A 212 -6.54 9.94 11.31
C HIS A 212 -7.37 9.67 12.57
N LYS A 213 -7.44 8.37 12.88
CA LYS A 213 -7.94 7.87 14.14
C LYS A 213 -6.83 7.85 15.17
N THR A 214 -7.23 8.07 16.43
CA THR A 214 -6.32 8.05 17.55
C THR A 214 -6.68 6.94 18.51
N TYR A 215 -5.72 6.57 19.36
CA TYR A 215 -5.79 5.33 20.13
C TYR A 215 -5.30 5.63 21.52
N SER A 216 -5.86 4.94 22.52
CA SER A 216 -5.36 5.05 23.89
C SER A 216 -3.96 4.42 23.91
N THR A 217 -3.05 4.96 24.71
CA THR A 217 -1.74 4.37 24.96
C THR A 217 -1.87 3.05 25.74
N LYS A 218 -3.08 2.74 26.23
CA LYS A 218 -3.27 1.45 26.87
C LYS A 218 -3.27 0.34 25.84
N LEU A 219 -3.44 0.70 24.57
CA LEU A 219 -3.39 -0.26 23.47
C LEU A 219 -1.95 -0.49 23.00
N THR A 220 -0.97 0.16 23.65
CA THR A 220 0.42 -0.01 23.29
C THR A 220 1.04 -1.02 24.24
N ASN A 221 2.05 -1.75 23.78
CA ASN A 221 2.52 -2.90 24.54
C ASN A 221 3.32 -2.34 25.69
N LYS A 222 3.68 -3.26 26.59
CA LYS A 222 4.14 -2.95 27.92
C LYS A 222 5.60 -2.54 27.88
N ASN A 223 6.33 -3.07 26.89
CA ASN A 223 7.72 -2.72 26.66
C ASN A 223 7.87 -1.26 26.22
N SER A 224 6.76 -0.55 25.93
CA SER A 224 6.82 0.72 25.21
C SER A 224 7.44 1.85 26.05
N LEU A 225 8.22 2.67 25.33
CA LEU A 225 9.06 3.73 25.88
C LEU A 225 8.26 5.02 25.99
N VAL A 226 6.95 4.92 25.89
CA VAL A 226 6.08 6.07 25.78
C VAL A 226 6.06 6.83 27.10
N ASP A 227 6.12 8.17 27.02
CA ASP A 227 6.03 9.08 28.15
C ASP A 227 4.68 8.92 28.85
N LYS A 228 4.67 9.14 30.18
CA LYS A 228 3.47 8.94 31.00
C LYS A 228 2.46 10.06 30.80
N SER A 229 2.90 11.25 30.39
CA SER A 229 1.94 12.28 30.02
C SER A 229 1.18 11.90 28.75
N VAL A 230 1.50 10.79 28.08
CA VAL A 230 0.76 10.57 26.85
C VAL A 230 -0.40 9.60 27.12
N GLN A 231 -1.63 10.13 27.04
CA GLN A 231 -2.86 9.38 27.26
C GLN A 231 -3.35 8.76 25.95
N GLU A 232 -3.14 9.50 24.86
CA GLU A 232 -3.83 9.20 23.61
C GLU A 232 -2.88 9.70 22.55
N PHE A 233 -2.70 8.89 21.51
CA PHE A 233 -1.73 9.18 20.48
C PHE A 233 -2.30 9.08 19.08
N VAL A 234 -1.61 9.76 18.15
CA VAL A 234 -1.97 9.69 16.75
C VAL A 234 -0.87 8.89 16.08
N PRO A 235 -1.18 7.83 15.33
CA PRO A 235 -0.19 7.13 14.54
C PRO A 235 0.53 8.04 13.54
N ASP A 236 1.79 7.70 13.28
CA ASP A 236 2.58 8.40 12.28
C ASP A 236 1.99 8.03 10.93
N PRO A 237 1.43 8.99 10.17
CA PRO A 237 0.88 8.65 8.87
C PRO A 237 1.82 7.90 7.89
N ALA A 238 3.14 8.00 8.04
CA ALA A 238 4.03 7.21 7.20
C ALA A 238 3.97 5.73 7.61
N VAL A 239 3.84 5.48 8.89
CA VAL A 239 3.72 4.11 9.33
C VAL A 239 2.38 3.48 8.90
N THR A 240 1.28 4.21 9.00
CA THR A 240 0.00 3.77 8.55
C THR A 240 0.04 3.55 7.03
N LEU A 241 0.63 4.45 6.28
CA LEU A 241 0.80 4.25 4.86
C LEU A 241 1.59 2.98 4.59
N ILE A 242 2.64 2.77 5.34
CA ILE A 242 3.40 1.54 5.16
C ILE A 242 2.52 0.29 5.32
N HIS A 243 1.55 0.33 6.24
CA HIS A 243 0.69 -0.81 6.52
C HIS A 243 0.04 -1.18 5.18
N GLU A 244 -0.57 -0.19 4.54
CA GLU A 244 -1.27 -0.44 3.29
C GLU A 244 -0.33 -0.79 2.13
N LEU A 245 0.87 -0.21 2.11
CA LEU A 245 1.86 -0.55 1.09
C LEU A 245 2.31 -2.00 1.26
N CYS A 246 2.29 -2.52 2.50
CA CYS A 246 2.63 -3.91 2.76
C CYS A 246 1.57 -4.84 2.17
N HIS A 247 0.28 -4.47 2.26
CA HIS A 247 -0.73 -5.23 1.55
C HIS A 247 -0.41 -5.19 0.06
N GLY A 248 -0.07 -3.98 -0.39
CA GLY A 248 0.36 -3.75 -1.75
C GLY A 248 1.41 -4.76 -2.19
N LEU A 249 2.46 -4.86 -1.38
CA LEU A 249 3.59 -5.72 -1.65
C LEU A 249 3.13 -7.17 -1.72
N HIS A 250 2.22 -7.59 -0.82
CA HIS A 250 1.75 -8.96 -0.84
C HIS A 250 1.01 -9.25 -2.16
N ALA A 251 0.21 -8.27 -2.59
CA ALA A 251 -0.52 -8.37 -3.84
C ALA A 251 0.45 -8.52 -5.05
N LEU A 252 1.53 -7.74 -5.10
CA LEU A 252 2.57 -7.88 -6.13
C LEU A 252 3.20 -9.27 -6.12
N TYR A 253 3.40 -9.88 -4.93
CA TYR A 253 3.97 -11.22 -4.80
C TYR A 253 2.87 -12.31 -4.89
N GLY A 254 1.60 -11.95 -5.02
CA GLY A 254 0.59 -12.98 -5.21
C GLY A 254 0.40 -13.86 -3.98
N ILE A 255 0.72 -13.30 -2.80
CA ILE A 255 0.68 -14.03 -1.55
C ILE A 255 -0.32 -13.44 -0.55
N ASP A 256 -1.32 -12.72 -1.03
CA ASP A 256 -2.32 -12.18 -0.13
C ASP A 256 -2.97 -13.33 0.66
N LEU A 257 -3.11 -13.16 1.97
CA LEU A 257 -3.65 -14.24 2.79
C LEU A 257 -5.12 -14.01 3.20
N GLY A 258 -5.83 -13.09 2.52
CA GLY A 258 -7.20 -12.74 2.88
C GLY A 258 -8.12 -13.96 3.02
N ASN A 259 -8.01 -14.93 2.10
CA ASN A 259 -8.90 -16.09 2.05
C ASN A 259 -8.21 -17.35 2.52
N VAL A 260 -6.97 -17.24 3.02
CA VAL A 260 -6.22 -18.38 3.55
C VAL A 260 -6.69 -18.76 4.96
N GLY A 261 -7.18 -17.80 5.72
CA GLY A 261 -7.80 -18.15 6.97
C GLY A 261 -7.95 -16.92 7.86
N SER A 262 -8.53 -17.16 9.03
CA SER A 262 -8.80 -16.12 10.00
C SER A 262 -8.71 -16.67 11.42
N TRP A 263 -8.52 -15.74 12.36
CA TRP A 263 -8.36 -16.08 13.76
C TRP A 263 -9.23 -15.13 14.59
N GLU A 264 -9.81 -15.67 15.66
CA GLU A 264 -10.67 -14.89 16.54
C GLU A 264 -9.86 -14.38 17.74
N PHE A 265 -9.70 -13.05 17.84
CA PHE A 265 -8.98 -12.43 18.93
C PHE A 265 -9.92 -11.87 20.00
N ASN A 266 -9.49 -12.03 21.25
CA ASN A 266 -9.82 -11.19 22.41
C ASN A 266 -11.32 -10.98 22.56
N LYS A 280 -15.26 -11.91 21.20
CA LYS A 280 -14.13 -12.00 20.23
C LYS A 280 -14.51 -11.44 18.87
N GLU A 281 -13.52 -11.31 17.95
CA GLU A 281 -13.77 -11.07 16.54
C GLU A 281 -12.67 -11.63 15.64
N ALA A 282 -13.10 -11.95 14.41
CA ALA A 282 -12.29 -12.66 13.42
C ALA A 282 -11.39 -11.64 12.72
N VAL A 283 -10.10 -11.99 12.56
CA VAL A 283 -9.12 -11.14 11.87
C VAL A 283 -8.46 -12.06 10.85
N ASN A 284 -8.43 -11.65 9.57
CA ASN A 284 -7.89 -12.59 8.61
C ASN A 284 -6.35 -12.59 8.76
N PHE A 285 -5.74 -13.65 8.21
CA PHE A 285 -4.29 -13.82 8.27
C PHE A 285 -3.57 -12.68 7.56
N GLU A 286 -4.20 -12.01 6.58
CA GLU A 286 -3.55 -10.94 5.83
C GLU A 286 -3.35 -9.71 6.69
N GLU A 287 -4.32 -9.42 7.58
CA GLU A 287 -4.22 -8.32 8.52
C GLU A 287 -3.19 -8.65 9.61
N VAL A 288 -3.28 -9.87 10.14
CA VAL A 288 -2.35 -10.29 11.17
C VAL A 288 -0.91 -10.23 10.67
N MET A 289 -0.60 -10.76 9.48
CA MET A 289 0.80 -10.81 9.05
C MET A 289 1.25 -9.41 8.68
N THR A 290 0.31 -8.58 8.20
CA THR A 290 0.66 -7.23 7.83
C THR A 290 0.92 -6.40 9.07
N PHE A 291 0.15 -6.59 10.15
CA PHE A 291 0.28 -5.71 11.29
C PHE A 291 1.62 -5.96 11.99
N GLY A 292 2.03 -7.24 12.00
CA GLY A 292 3.21 -7.66 12.74
C GLY A 292 2.95 -7.80 14.24
N GLY A 293 4.06 -7.89 14.96
CA GLY A 293 4.04 -7.95 16.41
C GLY A 293 3.68 -9.34 16.93
N GLU A 294 3.32 -9.37 18.20
CA GLU A 294 3.15 -10.61 18.93
C GLU A 294 2.10 -11.55 18.32
N ASP A 295 1.04 -11.00 17.72
CA ASP A 295 -0.13 -11.80 17.36
C ASP A 295 0.19 -12.85 16.28
N VAL A 296 1.31 -12.64 15.58
CA VAL A 296 1.83 -13.52 14.54
C VAL A 296 2.05 -14.94 15.07
N LYS A 297 2.50 -15.08 16.34
CA LYS A 297 2.76 -16.36 17.01
C LYS A 297 1.51 -17.24 17.13
N VAL A 298 0.34 -16.60 17.22
CA VAL A 298 -0.91 -17.28 17.50
C VAL A 298 -1.38 -18.11 16.29
N ILE A 299 -1.12 -17.56 15.10
CA ILE A 299 -1.58 -18.13 13.83
C ILE A 299 -0.49 -18.91 13.10
N LYS A 300 0.74 -18.94 13.66
CA LYS A 300 1.90 -19.54 13.03
C LYS A 300 1.66 -20.99 12.60
N SER A 301 1.04 -21.80 13.47
CA SER A 301 0.74 -23.19 13.16
C SER A 301 -0.17 -23.32 11.96
N GLU A 302 -1.09 -22.37 11.81
CA GLU A 302 -2.03 -22.39 10.70
C GLU A 302 -1.33 -21.91 9.42
N ILE A 303 -0.52 -20.87 9.55
CA ILE A 303 0.27 -20.35 8.45
C ILE A 303 1.13 -21.48 7.90
N ASP A 304 1.85 -22.20 8.78
CA ASP A 304 2.77 -23.25 8.33
C ASP A 304 2.10 -24.38 7.56
N LYS A 305 0.80 -24.61 7.77
CA LYS A 305 0.09 -25.66 7.06
C LYS A 305 -0.13 -25.24 5.63
N LYS A 306 -0.37 -23.95 5.47
CA LYS A 306 -0.79 -23.32 4.23
C LYS A 306 0.39 -22.91 3.34
N ILE A 307 1.54 -22.57 3.95
CA ILE A 307 2.75 -22.10 3.29
C ILE A 307 3.12 -23.01 2.09
N PRO A 308 3.28 -24.35 2.28
CA PRO A 308 3.60 -25.23 1.16
C PRO A 308 2.76 -24.93 -0.08
N GLY A 309 1.45 -24.70 0.11
CA GLY A 309 0.54 -24.46 -0.99
C GLY A 309 0.82 -23.13 -1.69
N ILE A 310 1.13 -22.11 -0.90
CA ILE A 310 1.38 -20.80 -1.42
C ILE A 310 2.66 -20.81 -2.26
N LEU A 311 3.70 -21.44 -1.71
CA LEU A 311 5.00 -21.49 -2.37
C LEU A 311 4.84 -22.24 -3.68
N ASN A 312 3.95 -23.22 -3.68
CA ASN A 312 3.81 -24.09 -4.82
C ASN A 312 3.10 -23.35 -5.96
N LEU A 313 2.24 -22.40 -5.57
CA LEU A 313 1.54 -21.58 -6.55
C LEU A 313 2.53 -20.62 -7.21
N ILE A 314 3.50 -20.17 -6.40
CA ILE A 314 4.58 -19.34 -6.88
C ILE A 314 5.46 -20.12 -7.88
N LYS A 315 6.08 -21.22 -7.47
CA LYS A 315 6.88 -22.07 -8.36
C LYS A 315 6.19 -22.35 -9.70
N THR A 316 4.95 -22.81 -9.58
CA THR A 316 4.07 -23.26 -10.63
C THR A 316 3.72 -22.14 -11.57
N THR A 317 3.57 -20.92 -11.05
CA THR A 317 3.25 -19.81 -11.94
C THR A 317 4.50 -19.29 -12.63
N VAL A 318 5.63 -19.08 -11.91
CA VAL A 318 6.71 -18.31 -12.51
C VAL A 318 7.64 -19.17 -13.36
N GLU A 319 7.91 -20.42 -12.98
CA GLU A 319 8.91 -21.22 -13.67
C GLU A 319 8.52 -21.45 -15.13
N PRO A 320 7.26 -21.86 -15.45
CA PRO A 320 6.88 -22.02 -16.84
C PRO A 320 7.02 -20.75 -17.67
N ILE A 321 6.64 -19.59 -17.08
CA ILE A 321 6.71 -18.30 -17.78
C ILE A 321 8.16 -17.99 -18.11
N ILE A 322 9.04 -17.94 -17.10
CA ILE A 322 10.40 -17.46 -17.29
C ILE A 322 11.14 -18.34 -18.30
N ASN A 323 10.79 -19.64 -18.33
CA ASN A 323 11.54 -20.60 -19.11
C ASN A 323 11.16 -20.54 -20.60
N LYS A 324 10.15 -19.73 -20.95
CA LYS A 324 9.80 -19.44 -22.33
C LYS A 324 10.71 -18.36 -22.93
N ILE A 325 11.34 -17.52 -22.12
CA ILE A 325 12.13 -16.40 -22.63
C ILE A 325 13.39 -16.95 -23.30
N THR A 326 13.61 -16.58 -24.57
CA THR A 326 14.72 -17.13 -25.33
C THR A 326 15.88 -16.14 -25.48
N ASP A 327 15.68 -14.91 -25.03
CA ASP A 327 16.65 -13.84 -25.08
C ASP A 327 17.28 -13.64 -23.71
N PRO A 328 18.59 -13.87 -23.59
CA PRO A 328 19.27 -13.72 -22.29
C PRO A 328 19.29 -12.30 -21.77
N HIS A 329 19.12 -11.31 -22.65
CA HIS A 329 19.15 -9.91 -22.27
C HIS A 329 17.75 -9.40 -21.97
N ASP A 330 16.75 -10.29 -22.04
CA ASP A 330 15.39 -9.87 -21.74
C ASP A 330 15.30 -9.28 -20.34
N GLU A 331 14.68 -8.11 -20.26
CA GLU A 331 14.54 -7.38 -19.02
C GLU A 331 13.57 -8.09 -18.07
N MET A 332 12.62 -8.86 -18.60
CA MET A 332 11.66 -9.60 -17.77
C MET A 332 12.43 -10.60 -16.93
N LEU A 333 13.37 -11.28 -17.59
CA LEU A 333 14.28 -12.24 -16.99
C LEU A 333 14.88 -11.62 -15.73
N GLN A 334 15.50 -10.47 -15.93
CA GLN A 334 16.24 -9.78 -14.90
C GLN A 334 15.32 -9.41 -13.76
N CYS A 335 14.11 -8.90 -14.06
CA CYS A 335 13.20 -8.38 -13.02
C CYS A 335 12.66 -9.56 -12.20
N LEU A 336 12.42 -10.68 -12.88
CA LEU A 336 11.92 -11.88 -12.22
C LEU A 336 12.97 -12.41 -11.24
N GLN A 337 14.24 -12.48 -11.70
CA GLN A 337 15.35 -12.97 -10.89
C GLN A 337 15.66 -12.00 -9.77
N SER A 338 15.31 -10.75 -10.00
CA SER A 338 15.51 -9.76 -8.98
C SER A 338 14.36 -9.79 -7.95
N LYS A 339 13.14 -10.06 -8.39
CA LYS A 339 12.06 -10.20 -7.45
C LYS A 339 12.18 -11.50 -6.65
N TYR A 340 12.70 -12.56 -7.27
CA TYR A 340 12.83 -13.87 -6.63
C TYR A 340 14.29 -14.30 -6.74
N PRO A 341 15.15 -13.85 -5.80
CA PRO A 341 16.55 -14.29 -5.81
C PRO A 341 16.70 -15.81 -5.64
N SER A 342 15.66 -16.48 -5.10
CA SER A 342 15.67 -17.92 -4.96
C SER A 342 15.54 -18.63 -6.30
N LEU A 343 15.26 -17.85 -7.35
CA LEU A 343 15.04 -18.41 -8.68
C LEU A 343 16.39 -18.46 -9.39
N LYS A 344 16.92 -19.69 -9.55
CA LYS A 344 18.25 -19.95 -10.08
C LYS A 344 18.18 -20.70 -11.42
N GLY A 345 19.35 -20.81 -12.07
CA GLY A 345 19.53 -21.64 -13.25
C GLY A 345 19.99 -20.80 -14.45
N THR A 346 19.72 -21.33 -15.64
CA THR A 346 20.15 -20.73 -16.87
C THR A 346 18.96 -20.67 -17.83
N LEU A 347 19.19 -19.96 -18.93
CA LEU A 347 18.17 -19.67 -19.92
C LEU A 347 17.43 -20.96 -20.27
N GLY A 348 16.10 -20.89 -20.25
CA GLY A 348 15.25 -22.01 -20.59
C GLY A 348 15.10 -23.01 -19.45
N GLN A 349 15.92 -22.89 -18.37
CA GLN A 349 16.00 -23.87 -17.30
C GLN A 349 16.20 -23.26 -15.90
N PHE A 350 15.28 -22.35 -15.56
CA PHE A 350 15.28 -21.66 -14.27
C PHE A 350 14.35 -22.43 -13.34
N PHE A 351 14.79 -22.64 -12.11
CA PHE A 351 14.01 -23.36 -11.12
CA PHE A 351 14.02 -23.39 -11.12
C PHE A 351 14.29 -22.75 -9.75
N PHE A 352 13.25 -22.66 -8.94
CA PHE A 352 13.40 -22.22 -7.57
C PHE A 352 14.23 -23.19 -6.73
N ASP A 353 15.08 -22.58 -5.90
CA ASP A 353 15.59 -23.18 -4.68
C ASP A 353 14.47 -23.10 -3.62
N ASP A 354 13.93 -24.27 -3.31
CA ASP A 354 12.75 -24.44 -2.45
C ASP A 354 12.95 -23.92 -1.03
N THR A 355 14.05 -24.29 -0.36
CA THR A 355 14.38 -23.74 0.94
C THR A 355 14.46 -22.23 0.84
N GLN A 356 15.15 -21.71 -0.19
CA GLN A 356 15.44 -20.29 -0.20
C GLN A 356 14.16 -19.50 -0.39
N LEU A 357 13.31 -19.98 -1.28
CA LEU A 357 12.08 -19.24 -1.57
C LEU A 357 11.19 -19.16 -0.31
N GLU A 358 11.15 -20.26 0.44
CA GLU A 358 10.42 -20.24 1.69
C GLU A 358 11.01 -19.19 2.60
N LYS A 359 12.32 -19.24 2.78
CA LYS A 359 12.99 -18.27 3.66
C LYS A 359 12.66 -16.83 3.24
N ASP A 360 12.69 -16.53 1.92
CA ASP A 360 12.59 -15.17 1.43
C ASP A 360 11.16 -14.63 1.58
N ILE A 361 10.15 -15.45 1.31
CA ILE A 361 8.75 -15.08 1.53
C ILE A 361 8.50 -14.83 3.03
N ARG A 362 8.99 -15.69 3.89
CA ARG A 362 8.78 -15.50 5.31
C ARG A 362 9.50 -14.24 5.78
N ASP A 363 10.65 -13.95 5.17
CA ASP A 363 11.37 -12.73 5.49
C ASP A 363 10.52 -11.54 5.07
N LEU A 364 9.76 -11.61 3.94
CA LEU A 364 8.97 -10.44 3.58
C LEU A 364 8.07 -10.15 4.75
N TRP A 365 7.32 -11.15 5.22
CA TRP A 365 6.39 -10.89 6.33
C TRP A 365 7.14 -10.46 7.59
N MET A 366 8.27 -11.10 7.91
CA MET A 366 8.88 -10.85 9.21
C MET A 366 9.50 -9.44 9.24
N VAL A 367 10.04 -8.94 8.11
CA VAL A 367 10.69 -7.65 8.11
C VAL A 367 9.72 -6.54 7.71
N MET A 368 8.94 -6.75 6.63
CA MET A 368 8.09 -5.69 6.09
C MET A 368 6.67 -5.79 6.67
N ASN A 369 6.48 -5.15 7.82
CA ASN A 369 5.18 -5.11 8.47
C ASN A 369 5.15 -3.86 9.34
N GLU A 370 3.95 -3.51 9.82
CA GLU A 370 3.73 -2.21 10.41
C GLU A 370 4.54 -2.08 11.71
N THR A 371 4.50 -3.12 12.56
CA THR A 371 5.18 -3.11 13.85
C THR A 371 6.68 -2.82 13.66
N MET A 372 7.29 -3.58 12.75
CA MET A 372 8.70 -3.40 12.49
C MET A 372 8.95 -2.00 11.92
N PHE A 373 8.04 -1.44 11.10
CA PHE A 373 8.35 -0.12 10.55
C PHE A 373 8.11 0.96 11.59
N ALA A 374 7.26 0.70 12.59
CA ALA A 374 7.09 1.70 13.63
C ALA A 374 8.38 1.83 14.45
N GLU A 375 8.96 0.69 14.83
CA GLU A 375 10.27 0.63 15.47
C GLU A 375 11.31 1.38 14.64
N ASN A 376 11.33 1.04 13.34
CA ASN A 376 12.34 1.52 12.43
C ASN A 376 12.24 3.04 12.29
N LEU A 377 11.03 3.62 12.19
CA LEU A 377 10.91 5.09 12.15
C LEU A 377 10.73 5.69 13.55
N LYS A 378 10.84 4.86 14.58
CA LYS A 378 10.67 5.35 15.94
C LYS A 378 9.37 6.16 16.10
N ALA A 379 8.24 5.51 15.81
CA ALA A 379 6.96 6.08 16.12
C ALA A 379 6.14 5.03 16.87
N LEU A 380 5.29 5.54 17.76
CA LEU A 380 4.33 4.77 18.53
C LEU A 380 3.27 4.24 17.56
N THR A 381 3.00 2.93 17.64
CA THR A 381 1.80 2.31 17.11
C THR A 381 1.26 1.43 18.24
N ARG A 382 0.15 0.75 17.99
CA ARG A 382 -0.48 -0.10 18.99
C ARG A 382 0.02 -1.53 18.89
N ALA A 383 -0.35 -2.33 19.91
CA ALA A 383 0.23 -3.68 20.06
C ALA A 383 -0.50 -4.71 19.21
N ARG A 384 -1.70 -4.40 18.72
CA ARG A 384 -2.58 -5.43 18.20
C ARG A 384 -3.44 -4.82 17.11
N TYR A 385 -3.64 -5.57 16.02
CA TYR A 385 -4.35 -5.01 14.89
C TYR A 385 -5.77 -4.62 15.32
N LEU A 386 -6.49 -5.58 15.89
CA LEU A 386 -7.85 -5.30 16.28
C LEU A 386 -7.86 -4.37 17.50
N VAL A 387 -8.73 -3.35 17.48
CA VAL A 387 -8.89 -2.45 18.63
C VAL A 387 -10.33 -2.48 19.12
N PRO A 388 -10.54 -2.26 20.42
CA PRO A 388 -11.90 -2.20 20.95
C PRO A 388 -12.62 -0.91 20.58
N LYS A 389 -11.86 0.18 20.39
CA LYS A 389 -12.41 1.51 20.14
C LYS A 389 -11.29 2.49 19.80
N VAL A 390 -11.73 3.53 19.09
CA VAL A 390 -10.99 4.70 18.71
C VAL A 390 -11.31 5.82 19.69
N GLU A 391 -10.31 6.52 20.23
CA GLU A 391 -10.58 7.63 21.11
C GLU A 391 -11.19 8.81 20.36
N ASN A 392 -10.59 9.16 19.23
CA ASN A 392 -10.95 10.39 18.57
C ASN A 392 -10.61 10.26 17.09
N ILE A 393 -11.16 11.17 16.30
CA ILE A 393 -10.71 11.30 14.94
C ILE A 393 -10.21 12.73 14.79
N VAL A 394 -9.10 12.91 14.06
CA VAL A 394 -8.41 14.19 14.03
C VAL A 394 -7.95 14.55 12.62
N GLN A 395 -7.73 15.85 12.45
CA GLN A 395 -7.16 16.37 11.22
C GLN A 395 -5.85 17.06 11.56
N VAL A 396 -4.87 16.87 10.69
CA VAL A 396 -3.54 17.40 10.85
C VAL A 396 -2.95 17.61 9.45
N ASP A 397 -2.25 18.73 9.25
CA ASP A 397 -1.57 19.02 7.99
C ASP A 397 -0.05 18.92 8.21
N ILE A 398 0.57 17.81 7.83
CA ILE A 398 2.01 17.66 8.04
C ILE A 398 2.84 18.62 7.18
N LEU A 399 2.28 19.43 6.28
CA LEU A 399 3.11 20.40 5.57
C LEU A 399 3.29 21.65 6.42
N SER A 400 2.42 21.88 7.44
CA SER A 400 2.43 23.12 8.19
C SER A 400 3.72 23.21 8.97
N PRO A 401 4.18 24.43 9.19
CA PRO A 401 5.43 24.67 9.91
C PRO A 401 5.49 24.02 11.30
N ASN A 402 6.61 23.32 11.58
CA ASN A 402 6.99 22.73 12.85
C ASN A 402 6.27 21.43 13.19
N VAL A 403 5.50 20.85 12.26
CA VAL A 403 4.64 19.74 12.61
C VAL A 403 5.32 18.39 12.36
N TYR A 404 5.98 18.25 11.19
CA TYR A 404 6.42 16.93 10.74
C TYR A 404 7.73 17.08 9.96
N THR A 405 8.74 16.27 10.31
CA THR A 405 9.98 16.22 9.57
C THR A 405 10.19 14.85 8.93
N ILE A 406 11.00 14.87 7.86
CA ILE A 406 11.36 13.66 7.14
C ILE A 406 11.99 12.69 8.13
N ASP A 407 12.87 13.21 8.97
CA ASP A 407 13.72 12.37 9.81
C ASP A 407 12.97 11.84 11.05
N LYS A 408 12.04 12.63 11.61
CA LYS A 408 11.46 12.30 12.91
C LYS A 408 9.94 12.33 12.95
N GLY A 409 9.31 12.61 11.82
CA GLY A 409 7.87 12.70 11.83
C GLY A 409 7.42 13.72 12.88
N PHE A 410 6.60 13.27 13.84
CA PHE A 410 5.96 14.19 14.78
C PHE A 410 6.84 14.47 15.99
N ASN A 411 7.94 13.72 16.12
CA ASN A 411 8.78 13.64 17.31
C ASN A 411 10.13 14.37 17.15
N HIS A 412 10.23 15.35 16.23
CA HIS A 412 11.43 16.18 16.17
C HIS A 412 11.62 16.82 17.54
N LEU A 413 12.67 16.42 18.26
CA LEU A 413 12.99 17.01 19.56
C LEU A 413 11.98 16.60 20.65
N SER A 414 11.40 15.38 20.56
CA SER A 414 10.52 14.83 21.59
C SER A 414 11.03 13.44 21.98
N LYS A 415 10.99 13.17 23.28
CA LYS A 415 11.17 11.83 23.80
C LYS A 415 9.81 11.24 24.11
N GLY A 416 9.78 9.92 24.28
CA GLY A 416 8.60 9.19 24.72
C GLY A 416 7.41 9.42 23.82
N PHE A 417 7.68 9.82 22.58
CA PHE A 417 6.67 9.96 21.52
C PHE A 417 5.67 11.07 21.82
N LYS A 418 6.09 12.11 22.54
CA LYS A 418 5.16 13.13 23.00
C LYS A 418 4.61 13.95 21.86
N GLY A 419 5.37 14.01 20.76
CA GLY A 419 4.90 14.72 19.59
C GLY A 419 3.74 14.03 18.93
N GLN A 420 3.55 12.75 19.24
CA GLN A 420 2.32 12.09 18.80
C GLN A 420 1.13 12.19 19.77
N SER A 421 1.21 12.92 20.92
CA SER A 421 0.04 13.07 21.78
C SER A 421 -1.05 13.90 21.08
N VAL A 422 -2.34 13.52 21.20
CA VAL A 422 -3.47 14.30 20.65
C VAL A 422 -3.47 15.77 21.12
N SER A 423 -2.91 16.07 22.28
CA SER A 423 -2.94 17.41 22.84
C SER A 423 -2.17 18.43 21.98
N GLN A 424 -1.27 18.00 21.09
CA GLN A 424 -0.50 18.95 20.29
C GLN A 424 -1.43 19.84 19.48
N SER A 425 -1.06 21.13 19.39
CA SER A 425 -1.74 22.16 18.61
C SER A 425 -2.05 21.69 17.20
N TYR A 426 -1.27 20.74 16.67
CA TYR A 426 -1.40 20.41 15.27
C TYR A 426 -2.47 19.36 15.03
N PHE A 427 -3.03 18.78 16.11
CA PHE A 427 -4.09 17.78 15.94
C PHE A 427 -5.44 18.38 16.36
N ARG A 428 -6.34 18.51 15.41
CA ARG A 428 -7.68 19.01 15.66
C ARG A 428 -8.69 17.87 15.67
N LYS A 429 -9.37 17.68 16.81
CA LYS A 429 -10.47 16.71 16.95
C LYS A 429 -11.66 17.12 16.08
N ILE A 430 -12.14 16.15 15.34
CA ILE A 430 -13.38 16.32 14.61
C ILE A 430 -14.50 15.62 15.38
N SER A 431 -15.75 16.08 15.19
CA SER A 431 -16.93 15.22 15.22
C SER A 431 -18.04 15.80 14.33
ZN ZN B . -4.64 -3.90 6.78
P PO4 C . 14.66 11.45 -1.21
O1 PO4 C . 14.51 12.82 -0.53
O2 PO4 C . 14.02 10.34 -0.35
O3 PO4 C . 14.06 11.53 -2.57
O4 PO4 C . 16.17 11.13 -1.38
P PO4 D . -6.57 -1.58 7.07
O1 PO4 D . -5.85 -0.26 7.31
O2 PO4 D . -5.67 -2.61 6.27
O3 PO4 D . -6.91 -2.23 8.40
O4 PO4 D . -7.83 -1.23 6.24
C1 PGE E . -18.72 -3.16 -5.59
O1 PGE E . -18.27 -2.75 -6.90
C2 PGE E . -17.82 -4.13 -5.17
O2 PGE E . -17.32 -4.59 -6.42
C3 PGE E . -16.01 -5.17 -6.37
C4 PGE E . -15.85 -6.15 -7.50
O4 PGE E . -12.01 -7.40 -8.54
C6 PGE E . -12.65 -6.19 -8.15
C5 PGE E . -13.52 -6.39 -6.95
O3 PGE E . -14.73 -7.04 -7.32
H1 PGE E . -19.62 -3.54 -5.64
H12 PGE E . -18.71 -2.40 -4.97
HO1 PGE E . -18.81 -2.17 -7.21
H2 PGE E . -18.28 -4.85 -4.69
H22 PGE E . -17.11 -3.74 -4.62
H3 PGE E . -15.88 -5.63 -5.51
H32 PGE E . -15.34 -4.46 -6.43
H4 PGE E . -15.72 -5.66 -8.35
H42 PGE E . -16.67 -6.69 -7.59
HO4 PGE E . -12.51 -8.05 -8.36
H6 PGE E . -13.19 -5.86 -8.90
H62 PGE E . -11.97 -5.52 -7.95
H5 PGE E . -13.71 -5.53 -6.53
H52 PGE E . -13.04 -6.95 -6.29
C1 EDO F . -3.67 1.56 -28.01
O1 EDO F . -3.26 0.43 -27.30
C2 EDO F . -2.47 2.36 -28.35
O2 EDO F . -2.72 3.69 -27.99
H11 EDO F . -4.28 2.10 -27.48
H12 EDO F . -4.12 1.28 -28.84
HO1 EDO F . -3.95 -0.03 -27.10
H21 EDO F . -2.29 2.31 -29.30
H22 EDO F . -1.70 2.02 -27.85
HO2 EDO F . -3.26 4.04 -28.55
#